data_1VBJ
#
_entry.id   1VBJ
#
_cell.length_a   113.212
_cell.length_b   113.212
_cell.length_c   136.269
_cell.angle_alpha   90.00
_cell.angle_beta   90.00
_cell.angle_gamma   90.00
#
_symmetry.space_group_name_H-M   'P 41 21 2'
#
loop_
_entity.id
_entity.type
_entity.pdbx_description
1 polymer 'prostaglandin F synthase'
2 non-polymer 'NADP NICOTINAMIDE-ADENINE-DINUCLEOTIDE PHOSPHATE'
3 non-polymer 'CITRIC ACID'
4 water water
#
_entity_poly.entity_id   1
_entity_poly.type   'polypeptide(L)'
_entity_poly.pdbx_seq_one_letter_code
;GSPEFMALTQSLKLSNGVMMPVLGFGMWKLQDGNEAETATMWAIKSGYRHIDTAAIYKNEESAGRAIASCGVPREELFVT
TKLWNSDQGYESTLSAFEKSIKKLGLEYVDLYLIHWPGKDKFIDTWKAFEKLYADKKVRAIGVSNFHEHHIEELLKHCKV
APMVNQIELHPLLNQKALCEYCKSKNIAVTAWSPLGQGHLVEDARLKAIGGKYGKTAAQVMLRWEIQAGVITIPKSGNEA
RIKENGNIFDFELTAEDIQVIDGMNAGHRYGPDPEVFMNDF
;
_entity_poly.pdbx_strand_id   A,B
#
loop_
_chem_comp.id
_chem_comp.type
_chem_comp.name
_chem_comp.formula
CIT non-polymer 'CITRIC ACID' 'C6 H8 O7'
NAP non-polymer 'NADP NICOTINAMIDE-ADENINE-DINUCLEOTIDE PHOSPHATE' 'C21 H28 N7 O17 P3'
#
# COMPACT_ATOMS: atom_id res chain seq x y z
N GLY A 1 -30.65 -15.43 -31.24
CA GLY A 1 -29.31 -14.94 -30.80
C GLY A 1 -29.10 -15.35 -29.37
N SER A 2 -30.15 -15.14 -28.57
CA SER A 2 -30.13 -15.50 -27.17
C SER A 2 -29.25 -14.59 -26.33
N PRO A 3 -29.88 -13.81 -25.43
CA PRO A 3 -29.12 -12.91 -24.56
C PRO A 3 -28.24 -13.80 -23.68
N GLU A 4 -28.70 -15.03 -23.49
CA GLU A 4 -28.01 -16.04 -22.68
C GLU A 4 -26.64 -16.30 -23.27
N PHE A 5 -26.60 -16.61 -24.55
CA PHE A 5 -25.34 -16.86 -25.25
C PHE A 5 -24.91 -15.47 -25.71
N MET A 6 -24.12 -14.79 -24.89
CA MET A 6 -23.61 -13.44 -25.16
C MET A 6 -23.32 -12.82 -23.81
N ALA A 7 -23.98 -13.30 -22.77
CA ALA A 7 -23.80 -12.78 -21.42
C ALA A 7 -22.36 -12.85 -20.93
N LEU A 8 -21.95 -11.79 -20.22
CA LEU A 8 -20.60 -11.70 -19.67
C LEU A 8 -20.56 -12.46 -18.35
N THR A 9 -20.47 -13.78 -18.47
CA THR A 9 -20.49 -14.67 -17.31
C THR A 9 -19.18 -15.12 -16.67
N GLN A 10 -18.04 -14.67 -17.18
CA GLN A 10 -16.76 -15.05 -16.57
C GLN A 10 -16.83 -14.69 -15.09
N SER A 11 -16.66 -15.68 -14.22
CA SER A 11 -16.75 -15.45 -12.77
C SER A 11 -15.64 -16.08 -11.94
N LEU A 12 -15.57 -15.69 -10.68
CA LEU A 12 -14.61 -16.30 -9.77
C LEU A 12 -15.47 -16.92 -8.66
N LYS A 13 -14.97 -18.00 -8.07
CA LYS A 13 -15.70 -18.70 -7.03
C LYS A 13 -15.41 -18.13 -5.65
N LEU A 14 -16.43 -17.64 -4.95
CA LEU A 14 -16.21 -17.12 -3.61
C LEU A 14 -15.98 -18.31 -2.66
N SER A 15 -15.49 -18.03 -1.45
CA SER A 15 -15.20 -19.11 -0.49
C SER A 15 -16.37 -20.04 -0.17
N ASN A 16 -17.60 -19.58 -0.38
CA ASN A 16 -18.76 -20.44 -0.09
C ASN A 16 -19.33 -21.11 -1.33
N GLY A 17 -18.59 -21.07 -2.45
CA GLY A 17 -19.06 -21.72 -3.66
C GLY A 17 -19.90 -20.90 -4.62
N VAL A 18 -20.29 -19.69 -4.22
CA VAL A 18 -21.08 -18.86 -5.12
C VAL A 18 -20.19 -18.26 -6.21
N MET A 19 -20.68 -18.26 -7.45
CA MET A 19 -19.94 -17.71 -8.58
C MET A 19 -20.27 -16.23 -8.72
N MET A 20 -19.25 -15.38 -8.76
CA MET A 20 -19.46 -13.95 -8.89
C MET A 20 -18.76 -13.46 -10.16
N PRO A 21 -19.51 -12.82 -11.07
CA PRO A 21 -18.96 -12.28 -12.33
C PRO A 21 -17.81 -11.30 -12.11
N VAL A 22 -16.66 -11.54 -12.73
CA VAL A 22 -15.50 -10.66 -12.56
C VAL A 22 -15.69 -9.24 -13.13
N LEU A 23 -16.77 -9.04 -13.89
CA LEU A 23 -17.08 -7.72 -14.44
C LEU A 23 -18.48 -7.36 -13.99
N GLY A 24 -18.62 -6.20 -13.36
CA GLY A 24 -19.91 -5.75 -12.89
C GLY A 24 -20.15 -4.31 -13.29
N PHE A 25 -21.37 -3.84 -13.11
CA PHE A 25 -21.76 -2.47 -13.48
C PHE A 25 -21.88 -1.57 -12.24
N GLY A 26 -21.03 -0.55 -12.17
CA GLY A 26 -21.07 0.37 -11.04
C GLY A 26 -22.20 1.38 -11.18
N MET A 27 -22.89 1.65 -10.08
CA MET A 27 -24.02 2.57 -10.12
C MET A 27 -23.87 3.87 -9.33
N TRP A 28 -22.68 4.14 -8.80
CA TRP A 28 -22.52 5.36 -8.02
C TRP A 28 -22.84 6.61 -8.82
N LYS A 29 -23.87 7.32 -8.33
CA LYS A 29 -24.42 8.57 -8.88
C LYS A 29 -25.04 8.56 -10.28
N LEU A 30 -25.92 7.58 -10.53
CA LEU A 30 -26.61 7.48 -11.82
C LEU A 30 -27.95 8.21 -11.83
N GLN A 31 -28.25 8.97 -10.80
CA GLN A 31 -29.51 9.70 -10.71
C GLN A 31 -30.71 8.75 -10.68
N ASP A 32 -31.39 8.69 -9.53
CA ASP A 32 -32.55 7.82 -9.38
C ASP A 32 -33.60 8.17 -10.44
N GLY A 33 -34.26 7.14 -10.97
CA GLY A 33 -35.26 7.35 -11.98
C GLY A 33 -34.88 6.84 -13.36
N ASN A 34 -35.18 7.63 -14.37
CA ASN A 34 -34.88 7.26 -15.75
C ASN A 34 -33.42 7.07 -16.06
N GLU A 35 -32.56 7.96 -15.57
CA GLU A 35 -31.12 7.87 -15.84
C GLU A 35 -30.52 6.54 -15.37
N ALA A 36 -30.56 6.31 -14.06
CA ALA A 36 -30.02 5.08 -13.49
C ALA A 36 -30.69 3.87 -14.11
N GLU A 37 -32.02 3.92 -14.22
CA GLU A 37 -32.79 2.81 -14.77
C GLU A 37 -32.37 2.47 -16.21
N THR A 38 -32.29 3.48 -17.06
CA THR A 38 -31.91 3.26 -18.45
C THR A 38 -30.48 2.78 -18.61
N ALA A 39 -29.56 3.37 -17.84
CA ALA A 39 -28.15 2.98 -17.91
C ALA A 39 -28.00 1.51 -17.48
N THR A 40 -28.72 1.14 -16.43
CA THR A 40 -28.67 -0.24 -15.93
C THR A 40 -29.24 -1.19 -16.96
N MET A 41 -30.26 -0.75 -17.69
CA MET A 41 -30.88 -1.60 -18.71
C MET A 41 -29.88 -1.79 -19.85
N TRP A 42 -29.19 -0.72 -20.23
CA TRP A 42 -28.22 -0.83 -21.32
C TRP A 42 -27.17 -1.86 -20.93
N ALA A 43 -26.75 -1.81 -19.66
CA ALA A 43 -25.75 -2.75 -19.17
C ALA A 43 -26.25 -4.19 -19.25
N ILE A 44 -27.41 -4.45 -18.66
CA ILE A 44 -27.96 -5.79 -18.68
C ILE A 44 -28.13 -6.31 -20.10
N LYS A 45 -28.60 -5.45 -21.00
CA LYS A 45 -28.78 -5.84 -22.39
C LYS A 45 -27.46 -6.05 -23.10
N SER A 46 -26.40 -5.42 -22.60
CA SER A 46 -25.08 -5.57 -23.21
C SER A 46 -24.40 -6.87 -22.80
N GLY A 47 -24.93 -7.52 -21.77
CA GLY A 47 -24.34 -8.77 -21.33
C GLY A 47 -23.92 -8.82 -19.87
N TYR A 48 -24.01 -7.68 -19.18
CA TYR A 48 -23.63 -7.62 -17.76
C TYR A 48 -24.59 -8.47 -16.91
N ARG A 49 -24.03 -9.22 -15.95
CA ARG A 49 -24.84 -10.06 -15.09
C ARG A 49 -24.43 -9.86 -13.63
N HIS A 50 -23.86 -8.69 -13.36
CA HIS A 50 -23.40 -8.31 -12.03
C HIS A 50 -23.62 -6.81 -11.96
N ILE A 51 -24.36 -6.38 -10.93
CA ILE A 51 -24.69 -4.97 -10.71
C ILE A 51 -24.30 -4.55 -9.30
N ASP A 52 -23.66 -3.39 -9.19
CA ASP A 52 -23.24 -2.90 -7.88
C ASP A 52 -23.93 -1.60 -7.50
N THR A 53 -24.64 -1.61 -6.37
CA THR A 53 -25.33 -0.44 -5.87
C THR A 53 -25.08 -0.30 -4.38
N ALA A 54 -25.79 0.62 -3.75
CA ALA A 54 -25.64 0.87 -2.31
C ALA A 54 -26.77 1.74 -1.81
N ALA A 55 -27.23 1.51 -0.59
CA ALA A 55 -28.31 2.31 -0.03
C ALA A 55 -28.01 3.80 -0.26
N ILE A 56 -26.82 4.21 0.17
CA ILE A 56 -26.36 5.58 0.07
C ILE A 56 -26.41 6.17 -1.36
N TYR A 57 -26.48 5.33 -2.37
CA TYR A 57 -26.54 5.83 -3.75
C TYR A 57 -27.91 6.40 -4.09
N LYS A 58 -28.92 6.03 -3.30
CA LYS A 58 -30.29 6.50 -3.51
C LYS A 58 -30.83 6.14 -4.89
N ASN A 59 -30.46 4.98 -5.41
CA ASN A 59 -30.96 4.56 -6.71
C ASN A 59 -31.28 3.06 -6.77
N GLU A 60 -31.43 2.43 -5.62
CA GLU A 60 -31.75 0.99 -5.58
C GLU A 60 -33.05 0.71 -6.32
N GLU A 61 -34.05 1.57 -6.14
CA GLU A 61 -35.33 1.41 -6.81
C GLU A 61 -35.17 1.40 -8.32
N SER A 62 -34.32 2.29 -8.85
CA SER A 62 -34.09 2.35 -10.29
C SER A 62 -33.47 1.02 -10.74
N ALA A 63 -32.56 0.49 -9.91
CA ALA A 63 -31.90 -0.77 -10.22
C ALA A 63 -32.94 -1.86 -10.29
N GLY A 64 -33.86 -1.87 -9.32
CA GLY A 64 -34.90 -2.87 -9.28
C GLY A 64 -35.76 -2.89 -10.53
N ARG A 65 -36.22 -1.72 -10.96
CA ARG A 65 -37.06 -1.64 -12.16
C ARG A 65 -36.34 -2.22 -13.37
N ALA A 66 -35.05 -1.90 -13.50
CA ALA A 66 -34.26 -2.41 -14.62
C ALA A 66 -34.25 -3.92 -14.58
N ILE A 67 -33.98 -4.47 -13.40
CA ILE A 67 -33.94 -5.90 -13.20
C ILE A 67 -35.29 -6.55 -13.51
N ALA A 68 -36.36 -5.89 -13.07
CA ALA A 68 -37.71 -6.42 -13.30
C ALA A 68 -38.16 -6.24 -14.74
N SER A 69 -37.48 -5.36 -15.48
CA SER A 69 -37.82 -5.09 -16.87
C SER A 69 -36.96 -5.80 -17.92
N CYS A 70 -35.71 -6.11 -17.58
CA CYS A 70 -34.84 -6.81 -18.53
C CYS A 70 -35.44 -8.19 -18.74
N GLY A 71 -35.05 -8.86 -19.83
CA GLY A 71 -35.61 -10.18 -20.09
C GLY A 71 -34.83 -11.35 -19.53
N VAL A 72 -34.03 -11.11 -18.50
CA VAL A 72 -33.23 -12.16 -17.92
C VAL A 72 -33.70 -12.56 -16.52
N PRO A 73 -33.81 -13.87 -16.25
CA PRO A 73 -34.26 -14.35 -14.95
C PRO A 73 -33.37 -13.90 -13.79
N ARG A 74 -33.98 -13.60 -12.64
CA ARG A 74 -33.27 -13.15 -11.45
C ARG A 74 -32.06 -14.02 -11.13
N GLU A 75 -32.20 -15.33 -11.34
CA GLU A 75 -31.16 -16.30 -11.05
C GLU A 75 -29.86 -16.06 -11.81
N GLU A 76 -29.94 -15.46 -12.99
CA GLU A 76 -28.73 -15.22 -13.78
C GLU A 76 -28.09 -13.87 -13.48
N LEU A 77 -28.66 -13.13 -12.52
CA LEU A 77 -28.13 -11.81 -12.17
C LEU A 77 -27.55 -11.78 -10.77
N PHE A 78 -26.40 -11.10 -10.63
CA PHE A 78 -25.73 -10.94 -9.35
C PHE A 78 -25.94 -9.50 -8.89
N VAL A 79 -26.68 -9.30 -7.81
CA VAL A 79 -26.97 -7.95 -7.32
C VAL A 79 -26.35 -7.65 -5.97
N THR A 80 -25.60 -6.56 -5.89
CA THR A 80 -24.93 -6.18 -4.65
C THR A 80 -25.40 -4.84 -4.08
N THR A 81 -25.66 -4.80 -2.77
CA THR A 81 -26.02 -3.54 -2.13
C THR A 81 -25.18 -3.42 -0.88
N LYS A 82 -25.17 -2.24 -0.25
CA LYS A 82 -24.36 -2.04 0.94
C LYS A 82 -25.07 -1.39 2.12
N LEU A 83 -24.56 -1.67 3.31
CA LEU A 83 -25.12 -1.10 4.52
C LEU A 83 -24.38 0.20 4.80
N TRP A 84 -25.10 1.32 4.70
CA TRP A 84 -24.50 2.63 4.95
C TRP A 84 -24.12 2.78 6.42
N ASN A 85 -23.07 3.56 6.67
CA ASN A 85 -22.55 3.79 8.03
C ASN A 85 -23.60 4.13 9.10
N SER A 86 -24.55 4.99 8.74
CA SER A 86 -25.59 5.43 9.67
C SER A 86 -26.48 4.29 10.16
N ASP A 87 -26.44 3.15 9.47
CA ASP A 87 -27.27 2.03 9.83
C ASP A 87 -26.55 0.86 10.50
N GLN A 88 -25.29 1.04 10.88
CA GLN A 88 -24.57 -0.04 11.52
C GLN A 88 -25.18 -0.40 12.89
N GLY A 89 -25.07 -1.67 13.25
CA GLY A 89 -25.65 -2.15 14.48
C GLY A 89 -26.54 -3.32 14.10
N TYR A 90 -26.68 -4.28 14.99
CA TYR A 90 -27.49 -5.46 14.68
C TYR A 90 -28.91 -5.17 14.19
N GLU A 91 -29.77 -4.67 15.06
CA GLU A 91 -31.15 -4.39 14.67
C GLU A 91 -31.24 -3.31 13.59
N SER A 92 -30.30 -2.37 13.59
CA SER A 92 -30.28 -1.30 12.60
C SER A 92 -29.97 -1.85 11.22
N THR A 93 -29.12 -2.88 11.18
CA THR A 93 -28.73 -3.50 9.92
C THR A 93 -29.89 -4.28 9.31
N LEU A 94 -30.54 -5.11 10.11
CA LEU A 94 -31.67 -5.88 9.63
C LEU A 94 -32.71 -4.93 9.01
N SER A 95 -32.96 -3.81 9.68
CA SER A 95 -33.93 -2.82 9.19
C SER A 95 -33.46 -2.14 7.91
N ALA A 96 -32.17 -1.86 7.83
CA ALA A 96 -31.61 -1.20 6.66
C ALA A 96 -31.73 -2.16 5.47
N PHE A 97 -31.42 -3.43 5.72
CA PHE A 97 -31.47 -4.45 4.68
C PHE A 97 -32.87 -4.56 4.09
N GLU A 98 -33.87 -4.55 4.97
CA GLU A 98 -35.26 -4.64 4.52
C GLU A 98 -35.60 -3.47 3.61
N LYS A 99 -35.19 -2.27 3.99
CA LYS A 99 -35.47 -1.10 3.17
C LYS A 99 -34.82 -1.26 1.80
N SER A 100 -33.56 -1.68 1.77
CA SER A 100 -32.86 -1.88 0.52
C SER A 100 -33.53 -2.96 -0.35
N ILE A 101 -33.78 -4.11 0.24
CA ILE A 101 -34.41 -5.21 -0.51
C ILE A 101 -35.77 -4.82 -1.06
N LYS A 102 -36.54 -4.04 -0.30
CA LYS A 102 -37.85 -3.59 -0.74
C LYS A 102 -37.79 -2.60 -1.92
N LYS A 103 -36.71 -1.83 -2.02
CA LYS A 103 -36.54 -0.87 -3.11
C LYS A 103 -36.08 -1.63 -4.37
N LEU A 104 -35.26 -2.64 -4.15
CA LEU A 104 -34.76 -3.46 -5.25
C LEU A 104 -35.87 -4.39 -5.71
N GLY A 105 -36.92 -4.49 -4.89
CA GLY A 105 -38.05 -5.34 -5.21
C GLY A 105 -37.64 -6.77 -5.53
N LEU A 106 -36.78 -7.34 -4.67
CA LEU A 106 -36.28 -8.70 -4.86
C LEU A 106 -36.58 -9.59 -3.65
N GLU A 107 -36.39 -10.89 -3.82
CA GLU A 107 -36.63 -11.88 -2.77
C GLU A 107 -35.35 -12.19 -2.01
N TYR A 108 -34.21 -11.80 -2.59
CA TYR A 108 -32.93 -12.04 -1.96
C TYR A 108 -31.84 -11.24 -2.68
N VAL A 109 -30.77 -10.91 -1.96
CA VAL A 109 -29.64 -10.17 -2.53
C VAL A 109 -28.46 -11.14 -2.65
N ASP A 110 -27.71 -11.04 -3.74
CA ASP A 110 -26.57 -11.94 -3.95
C ASP A 110 -25.41 -11.62 -3.02
N LEU A 111 -25.15 -10.34 -2.79
CA LEU A 111 -24.05 -9.93 -1.92
C LEU A 111 -24.41 -8.67 -1.18
N TYR A 112 -24.10 -8.66 0.11
CA TYR A 112 -24.36 -7.51 0.97
C TYR A 112 -23.03 -7.16 1.62
N LEU A 113 -22.68 -5.88 1.60
CA LEU A 113 -21.41 -5.43 2.14
C LEU A 113 -21.52 -4.29 3.15
N ILE A 114 -20.61 -4.29 4.13
CA ILE A 114 -20.56 -3.20 5.10
C ILE A 114 -19.77 -2.16 4.30
N HIS A 115 -20.41 -1.02 4.03
CA HIS A 115 -19.80 0.04 3.23
C HIS A 115 -18.48 0.63 3.73
N TRP A 116 -18.40 0.92 5.01
CA TRP A 116 -17.18 1.47 5.62
C TRP A 116 -16.99 0.83 7.00
N PRO A 117 -15.72 0.67 7.44
CA PRO A 117 -15.37 0.07 8.74
C PRO A 117 -15.81 0.93 9.92
N GLY A 118 -15.46 2.20 9.88
CA GLY A 118 -15.83 3.10 10.97
C GLY A 118 -14.92 2.93 12.17
N LYS A 119 -15.50 2.92 13.37
CA LYS A 119 -14.71 2.79 14.58
C LYS A 119 -14.87 1.46 15.34
N ASP A 120 -16.07 1.18 15.82
CA ASP A 120 -16.28 -0.06 16.58
C ASP A 120 -17.68 -0.65 16.51
N LYS A 121 -18.35 -0.49 15.38
CA LYS A 121 -19.69 -1.03 15.25
C LYS A 121 -19.85 -2.06 14.13
N PHE A 122 -18.74 -2.44 13.48
CA PHE A 122 -18.86 -3.41 12.39
C PHE A 122 -19.00 -4.86 12.83
N ILE A 123 -18.40 -5.22 13.97
CA ILE A 123 -18.49 -6.60 14.46
C ILE A 123 -19.95 -6.93 14.79
N ASP A 124 -20.66 -5.95 15.37
CA ASP A 124 -22.05 -6.14 15.74
C ASP A 124 -22.89 -6.18 14.47
N THR A 125 -22.56 -5.27 13.56
CA THR A 125 -23.24 -5.19 12.27
C THR A 125 -23.10 -6.53 11.54
N TRP A 126 -21.95 -7.17 11.71
CA TRP A 126 -21.69 -8.44 11.05
C TRP A 126 -22.63 -9.56 11.53
N LYS A 127 -22.92 -9.62 12.83
CA LYS A 127 -23.82 -10.66 13.30
C LYS A 127 -25.11 -10.62 12.50
N ALA A 128 -25.59 -9.42 12.21
CA ALA A 128 -26.81 -9.25 11.43
C ALA A 128 -26.60 -9.81 10.02
N PHE A 129 -25.41 -9.57 9.46
CA PHE A 129 -25.09 -10.07 8.11
C PHE A 129 -25.13 -11.61 8.12
N GLU A 130 -24.51 -12.23 9.12
CA GLU A 130 -24.48 -13.68 9.22
C GLU A 130 -25.89 -14.24 9.40
N LYS A 131 -26.76 -13.45 10.02
CA LYS A 131 -28.15 -13.85 10.25
C LYS A 131 -28.88 -13.87 8.91
N LEU A 132 -28.73 -12.78 8.15
CA LEU A 132 -29.35 -12.67 6.84
C LEU A 132 -28.83 -13.74 5.89
N TYR A 133 -27.56 -14.12 6.07
CA TYR A 133 -26.94 -15.14 5.24
C TYR A 133 -27.50 -16.53 5.57
N ALA A 134 -27.59 -16.83 6.86
CA ALA A 134 -28.11 -18.11 7.32
C ALA A 134 -29.54 -18.31 6.82
N ASP A 135 -30.34 -17.23 6.85
CA ASP A 135 -31.72 -17.30 6.40
C ASP A 135 -31.86 -17.29 4.90
N LYS A 136 -30.78 -16.99 4.20
CA LYS A 136 -30.77 -16.95 2.73
C LYS A 136 -31.35 -15.68 2.14
N LYS A 137 -31.33 -14.59 2.88
CA LYS A 137 -31.86 -13.36 2.33
C LYS A 137 -30.74 -12.81 1.43
N VAL A 138 -29.52 -13.24 1.70
CA VAL A 138 -28.34 -12.86 0.93
C VAL A 138 -27.52 -14.13 0.72
N ARG A 139 -26.98 -14.31 -0.48
CA ARG A 139 -26.22 -15.51 -0.80
C ARG A 139 -24.74 -15.44 -0.52
N ALA A 140 -24.28 -14.28 -0.10
CA ALA A 140 -22.87 -14.08 0.22
C ALA A 140 -22.79 -12.78 0.99
N ILE A 141 -21.82 -12.70 1.89
CA ILE A 141 -21.67 -11.49 2.66
C ILE A 141 -20.23 -11.06 2.62
N GLY A 142 -20.03 -9.75 2.57
CA GLY A 142 -18.69 -9.23 2.49
C GLY A 142 -18.49 -7.89 3.16
N VAL A 143 -17.32 -7.35 2.92
CA VAL A 143 -16.91 -6.11 3.51
C VAL A 143 -16.41 -5.15 2.43
N SER A 144 -16.28 -3.87 2.77
CA SER A 144 -15.80 -2.86 1.84
C SER A 144 -14.97 -1.82 2.61
N ASN A 145 -13.85 -1.42 2.00
CA ASN A 145 -12.96 -0.45 2.60
C ASN A 145 -12.32 -0.89 3.92
N PHE A 146 -12.09 -2.20 4.06
CA PHE A 146 -11.45 -2.73 5.27
C PHE A 146 -9.96 -2.93 5.04
N HIS A 147 -9.14 -2.46 5.97
CA HIS A 147 -7.70 -2.66 5.86
C HIS A 147 -7.42 -4.03 6.50
N GLU A 148 -6.18 -4.50 6.42
CA GLU A 148 -5.89 -5.81 6.99
C GLU A 148 -6.19 -5.91 8.49
N HIS A 149 -5.92 -4.85 9.26
CA HIS A 149 -6.20 -4.90 10.70
C HIS A 149 -7.70 -4.92 11.00
N HIS A 150 -8.50 -4.34 10.10
CA HIS A 150 -9.95 -4.34 10.30
C HIS A 150 -10.49 -5.77 10.16
N ILE A 151 -9.95 -6.50 9.20
CA ILE A 151 -10.35 -7.88 8.94
C ILE A 151 -9.87 -8.81 10.04
N GLU A 152 -8.63 -8.60 10.49
CA GLU A 152 -8.08 -9.40 11.56
C GLU A 152 -8.99 -9.28 12.78
N GLU A 153 -9.48 -8.06 13.01
CA GLU A 153 -10.37 -7.78 14.14
C GLU A 153 -11.71 -8.48 13.96
N LEU A 154 -12.24 -8.48 12.75
CA LEU A 154 -13.51 -9.14 12.50
C LEU A 154 -13.38 -10.66 12.58
N LEU A 155 -12.25 -11.19 12.09
CA LEU A 155 -12.02 -12.63 12.11
C LEU A 155 -11.93 -13.22 13.52
N LYS A 156 -11.70 -12.35 14.51
CA LYS A 156 -11.61 -12.78 15.90
C LYS A 156 -12.99 -12.74 16.52
N HIS A 157 -13.92 -12.07 15.87
CA HIS A 157 -15.28 -11.92 16.36
C HIS A 157 -16.37 -12.20 15.33
N CYS A 158 -16.40 -13.42 14.79
CA CYS A 158 -17.41 -13.77 13.80
C CYS A 158 -17.58 -15.27 13.68
N LYS A 159 -18.71 -15.70 13.13
CA LYS A 159 -19.00 -17.12 12.92
C LYS A 159 -18.67 -17.44 11.45
N VAL A 160 -18.89 -16.47 10.58
CA VAL A 160 -18.62 -16.62 9.15
C VAL A 160 -17.67 -15.49 8.70
N ALA A 161 -16.55 -15.86 8.12
CA ALA A 161 -15.55 -14.87 7.66
C ALA A 161 -16.04 -14.15 6.41
N PRO A 162 -15.79 -12.84 6.30
CA PRO A 162 -16.25 -12.14 5.10
C PRO A 162 -15.76 -12.85 3.84
N MET A 163 -16.48 -12.68 2.74
CA MET A 163 -16.14 -13.34 1.49
C MET A 163 -15.64 -12.39 0.41
N VAL A 164 -15.82 -11.09 0.63
CA VAL A 164 -15.39 -10.10 -0.33
C VAL A 164 -14.91 -8.85 0.38
N ASN A 165 -13.94 -8.16 -0.22
CA ASN A 165 -13.46 -6.90 0.33
C ASN A 165 -13.41 -5.98 -0.91
N GLN A 166 -14.34 -5.03 -1.00
CA GLN A 166 -14.40 -4.11 -2.14
C GLN A 166 -13.62 -2.85 -1.75
N ILE A 167 -12.52 -2.60 -2.46
CA ILE A 167 -11.67 -1.46 -2.15
C ILE A 167 -11.29 -0.64 -3.37
N GLU A 168 -10.86 0.61 -3.17
CA GLU A 168 -10.45 1.45 -4.29
C GLU A 168 -9.22 0.79 -4.87
N LEU A 169 -9.22 0.52 -6.17
CA LEU A 169 -8.09 -0.13 -6.79
C LEU A 169 -8.00 0.20 -8.28
N HIS A 170 -6.85 0.72 -8.67
CA HIS A 170 -6.56 1.12 -10.04
C HIS A 170 -5.04 1.28 -10.18
N PRO A 171 -4.54 1.60 -11.38
CA PRO A 171 -3.10 1.76 -11.60
C PRO A 171 -2.32 2.67 -10.65
N LEU A 172 -2.95 3.69 -10.08
CA LEU A 172 -2.24 4.58 -9.16
C LEU A 172 -2.29 4.09 -7.71
N LEU A 173 -3.09 3.04 -7.47
CA LEU A 173 -3.27 2.44 -6.16
C LEU A 173 -3.56 0.95 -6.40
N ASN A 174 -2.56 0.17 -6.81
CA ASN A 174 -2.79 -1.25 -7.11
C ASN A 174 -3.14 -2.19 -5.95
N GLN A 175 -3.04 -1.70 -4.71
CA GLN A 175 -3.40 -2.50 -3.54
C GLN A 175 -2.83 -3.92 -3.49
N LYS A 176 -1.68 -4.16 -4.12
CA LYS A 176 -1.11 -5.51 -4.13
C LYS A 176 -0.98 -6.19 -2.77
N ALA A 177 -0.64 -5.44 -1.73
CA ALA A 177 -0.49 -6.00 -0.39
C ALA A 177 -1.83 -6.43 0.21
N LEU A 178 -2.83 -5.57 0.11
CA LEU A 178 -4.14 -5.91 0.66
C LEU A 178 -4.74 -7.08 -0.13
N CYS A 179 -4.47 -7.11 -1.44
CA CYS A 179 -4.99 -8.19 -2.28
C CYS A 179 -4.37 -9.51 -1.84
N GLU A 180 -3.10 -9.47 -1.50
CA GLU A 180 -2.40 -10.66 -1.05
C GLU A 180 -2.96 -11.13 0.28
N TYR A 181 -3.17 -10.18 1.19
CA TYR A 181 -3.73 -10.53 2.50
C TYR A 181 -5.08 -11.21 2.30
N CYS A 182 -5.97 -10.55 1.55
CA CYS A 182 -7.29 -11.11 1.31
C CYS A 182 -7.24 -12.51 0.69
N LYS A 183 -6.33 -12.71 -0.26
CA LYS A 183 -6.22 -14.01 -0.88
C LYS A 183 -5.81 -15.08 0.15
N SER A 184 -4.98 -14.68 1.12
CA SER A 184 -4.51 -15.58 2.18
C SER A 184 -5.65 -16.09 3.03
N LYS A 185 -6.66 -15.23 3.18
CA LYS A 185 -7.84 -15.49 3.98
C LYS A 185 -9.03 -15.95 3.12
N ASN A 186 -8.79 -16.23 1.84
CA ASN A 186 -9.86 -16.66 0.95
C ASN A 186 -10.96 -15.61 0.79
N ILE A 187 -10.55 -14.35 0.74
CA ILE A 187 -11.47 -13.22 0.58
C ILE A 187 -11.27 -12.65 -0.82
N ALA A 188 -12.33 -12.65 -1.63
CA ALA A 188 -12.26 -12.11 -2.99
C ALA A 188 -12.19 -10.58 -2.96
N VAL A 189 -11.45 -9.99 -3.88
CA VAL A 189 -11.34 -8.54 -3.96
C VAL A 189 -12.08 -7.98 -5.17
N THR A 190 -12.84 -6.92 -4.94
CA THR A 190 -13.58 -6.22 -5.99
C THR A 190 -13.01 -4.79 -6.01
N ALA A 191 -12.67 -4.29 -7.20
CA ALA A 191 -12.08 -2.95 -7.30
C ALA A 191 -13.08 -1.85 -7.60
N TRP A 192 -13.14 -0.84 -6.74
CA TRP A 192 -14.03 0.26 -7.01
C TRP A 192 -13.20 1.40 -7.60
N SER A 193 -13.85 2.31 -8.32
CA SER A 193 -13.15 3.39 -9.03
C SER A 193 -12.01 2.73 -9.81
N PRO A 194 -12.29 1.60 -10.50
CA PRO A 194 -11.31 0.85 -11.29
C PRO A 194 -10.72 1.63 -12.48
N LEU A 195 -11.36 2.72 -12.87
CA LEU A 195 -10.87 3.54 -13.98
C LEU A 195 -10.39 4.85 -13.40
N GLY A 196 -10.04 4.83 -12.11
CA GLY A 196 -9.58 6.03 -11.46
C GLY A 196 -10.64 7.11 -11.52
N GLN A 197 -11.90 6.69 -11.48
CA GLN A 197 -13.02 7.63 -11.54
C GLN A 197 -12.98 8.47 -12.81
N GLY A 198 -12.43 7.90 -13.88
CA GLY A 198 -12.36 8.59 -15.15
C GLY A 198 -11.11 9.42 -15.38
N HIS A 199 -10.29 9.55 -14.35
CA HIS A 199 -9.10 10.37 -14.45
C HIS A 199 -7.90 9.65 -15.03
N LEU A 200 -8.07 8.40 -15.43
CA LEU A 200 -6.98 7.63 -16.01
C LEU A 200 -7.30 7.11 -17.42
N VAL A 201 -8.49 7.42 -17.92
CA VAL A 201 -8.89 6.94 -19.23
C VAL A 201 -8.09 7.50 -20.41
N GLU A 202 -7.30 8.55 -20.15
CA GLU A 202 -6.47 9.16 -21.20
C GLU A 202 -4.99 9.13 -20.87
N ASP A 203 -4.60 8.29 -19.93
CA ASP A 203 -3.20 8.18 -19.52
C ASP A 203 -2.37 7.68 -20.70
N ALA A 204 -1.33 8.43 -21.06
CA ALA A 204 -0.49 8.05 -22.19
C ALA A 204 0.13 6.67 -22.04
N ARG A 205 0.52 6.30 -20.83
CA ARG A 205 1.11 5.00 -20.60
C ARG A 205 0.09 3.90 -20.89
N LEU A 206 -1.13 4.08 -20.39
CA LEU A 206 -2.19 3.09 -20.59
C LEU A 206 -2.64 3.06 -22.05
N LYS A 207 -2.81 4.22 -22.67
CA LYS A 207 -3.23 4.29 -24.07
C LYS A 207 -2.21 3.59 -24.96
N ALA A 208 -0.92 3.87 -24.73
CA ALA A 208 0.13 3.25 -25.53
C ALA A 208 -0.01 1.74 -25.48
N ILE A 209 -0.12 1.19 -24.27
CA ILE A 209 -0.27 -0.26 -24.10
C ILE A 209 -1.50 -0.72 -24.87
N GLY A 210 -2.61 -0.01 -24.69
CA GLY A 210 -3.85 -0.38 -25.36
C GLY A 210 -3.71 -0.37 -26.88
N GLY A 211 -2.92 0.56 -27.41
CA GLY A 211 -2.73 0.64 -28.84
C GLY A 211 -2.19 -0.64 -29.45
N LYS A 212 -1.43 -1.41 -28.68
CA LYS A 212 -0.86 -2.66 -29.15
C LYS A 212 -1.92 -3.76 -29.38
N TYR A 213 -3.13 -3.52 -28.89
CA TYR A 213 -4.21 -4.50 -29.02
C TYR A 213 -5.48 -3.91 -29.62
N GLY A 214 -5.44 -2.64 -29.99
CA GLY A 214 -6.62 -2.02 -30.55
C GLY A 214 -7.62 -1.82 -29.43
N LYS A 215 -7.11 -1.73 -28.21
CA LYS A 215 -7.94 -1.53 -27.02
C LYS A 215 -7.68 -0.16 -26.42
N THR A 216 -8.66 0.37 -25.70
CA THR A 216 -8.54 1.68 -25.07
C THR A 216 -7.90 1.54 -23.69
N ALA A 217 -7.47 2.67 -23.13
CA ALA A 217 -6.86 2.70 -21.82
C ALA A 217 -7.82 2.09 -20.80
N ALA A 218 -9.09 2.45 -20.94
CA ALA A 218 -10.11 1.94 -20.03
C ALA A 218 -10.16 0.43 -20.08
N GLN A 219 -10.13 -0.14 -21.29
CA GLN A 219 -10.18 -1.60 -21.42
C GLN A 219 -8.91 -2.23 -20.86
N VAL A 220 -7.78 -1.54 -21.00
CA VAL A 220 -6.52 -2.06 -20.48
C VAL A 220 -6.58 -2.14 -18.95
N MET A 221 -7.12 -1.11 -18.32
CA MET A 221 -7.22 -1.10 -16.86
C MET A 221 -8.05 -2.27 -16.36
N LEU A 222 -9.24 -2.44 -16.94
CA LEU A 222 -10.15 -3.51 -16.57
C LEU A 222 -9.52 -4.89 -16.77
N ARG A 223 -8.80 -5.07 -17.87
CA ARG A 223 -8.14 -6.36 -18.13
C ARG A 223 -7.02 -6.61 -17.11
N TRP A 224 -6.25 -5.56 -16.83
CA TRP A 224 -5.16 -5.64 -15.85
C TRP A 224 -5.75 -6.12 -14.52
N GLU A 225 -6.86 -5.52 -14.11
CA GLU A 225 -7.52 -5.90 -12.87
C GLU A 225 -7.97 -7.37 -12.86
N ILE A 226 -8.67 -7.79 -13.91
CA ILE A 226 -9.16 -9.16 -14.03
C ILE A 226 -8.03 -10.19 -13.97
N GLN A 227 -6.92 -9.91 -14.67
CA GLN A 227 -5.80 -10.83 -14.67
C GLN A 227 -5.11 -10.84 -13.32
N ALA A 228 -5.30 -9.78 -12.55
CA ALA A 228 -4.69 -9.72 -11.22
C ALA A 228 -5.46 -10.58 -10.23
N GLY A 229 -6.58 -11.16 -10.69
CA GLY A 229 -7.40 -12.02 -9.84
C GLY A 229 -8.50 -11.27 -9.10
N VAL A 230 -8.75 -10.03 -9.51
CA VAL A 230 -9.75 -9.20 -8.86
C VAL A 230 -11.01 -9.04 -9.72
N ILE A 231 -12.11 -8.62 -9.09
CA ILE A 231 -13.40 -8.38 -9.74
C ILE A 231 -13.45 -6.88 -10.01
N THR A 232 -14.01 -6.45 -11.14
CA THR A 232 -14.07 -5.03 -11.45
C THR A 232 -15.49 -4.55 -11.80
N ILE A 233 -15.84 -3.37 -11.28
CA ILE A 233 -17.17 -2.81 -11.46
C ILE A 233 -17.21 -1.38 -12.01
N PRO A 234 -16.73 -1.17 -13.24
CA PRO A 234 -16.74 0.17 -13.80
C PRO A 234 -18.15 0.70 -14.04
N LYS A 235 -18.33 2.01 -13.88
CA LYS A 235 -19.63 2.61 -14.11
C LYS A 235 -19.59 3.59 -15.27
N SER A 236 -20.74 3.82 -15.87
CA SER A 236 -20.86 4.75 -17.00
C SER A 236 -22.33 4.99 -17.30
N GLY A 237 -22.67 6.21 -17.68
CA GLY A 237 -24.04 6.54 -18.00
C GLY A 237 -24.18 6.69 -19.50
N ASN A 238 -23.11 6.28 -20.20
CA ASN A 238 -23.01 6.34 -21.65
C ASN A 238 -23.15 4.93 -22.22
N GLU A 239 -24.09 4.75 -23.14
CA GLU A 239 -24.33 3.43 -23.73
C GLU A 239 -23.14 2.80 -24.45
N ALA A 240 -22.44 3.60 -25.24
CA ALA A 240 -21.30 3.08 -25.99
C ALA A 240 -20.13 2.67 -25.09
N ARG A 241 -19.87 3.45 -24.03
CA ARG A 241 -18.79 3.14 -23.11
C ARG A 241 -19.09 1.90 -22.25
N ILE A 242 -20.38 1.63 -22.03
CA ILE A 242 -20.80 0.47 -21.26
C ILE A 242 -20.39 -0.77 -22.04
N LYS A 243 -20.66 -0.73 -23.34
CA LYS A 243 -20.34 -1.84 -24.23
C LYS A 243 -18.83 -1.98 -24.34
N GLU A 244 -18.15 -0.85 -24.40
CA GLU A 244 -16.69 -0.84 -24.49
C GLU A 244 -16.05 -1.53 -23.28
N ASN A 245 -16.51 -1.18 -22.09
CA ASN A 245 -15.98 -1.77 -20.86
C ASN A 245 -16.20 -3.28 -20.80
N GLY A 246 -17.19 -3.77 -21.54
CA GLY A 246 -17.46 -5.19 -21.53
C GLY A 246 -16.64 -6.00 -22.53
N ASN A 247 -15.97 -5.33 -23.45
CA ASN A 247 -15.17 -6.01 -24.46
C ASN A 247 -13.75 -6.27 -23.98
N ILE A 248 -13.62 -7.03 -22.88
CA ILE A 248 -12.31 -7.33 -22.31
C ILE A 248 -11.98 -8.80 -22.17
N PHE A 249 -12.79 -9.67 -22.78
CA PHE A 249 -12.53 -11.10 -22.70
C PHE A 249 -12.13 -11.56 -24.09
N ASP A 250 -11.45 -10.63 -24.76
CA ASP A 250 -10.95 -10.75 -26.13
C ASP A 250 -9.46 -10.93 -26.24
N PHE A 251 -8.75 -10.22 -25.38
CA PHE A 251 -7.30 -10.23 -25.40
C PHE A 251 -6.69 -10.55 -24.05
N GLU A 252 -5.38 -10.43 -23.99
CA GLU A 252 -4.63 -10.72 -22.79
C GLU A 252 -3.41 -9.81 -22.70
N LEU A 253 -3.20 -9.20 -21.55
CA LEU A 253 -2.03 -8.36 -21.34
C LEU A 253 -0.85 -9.26 -21.12
N THR A 254 0.30 -8.89 -21.68
CA THR A 254 1.52 -9.67 -21.54
C THR A 254 2.12 -9.43 -20.17
N ALA A 255 3.06 -10.30 -19.76
CA ALA A 255 3.72 -10.16 -18.47
C ALA A 255 4.42 -8.80 -18.41
N GLU A 256 4.88 -8.30 -19.56
CA GLU A 256 5.56 -7.01 -19.58
C GLU A 256 4.60 -5.86 -19.30
N ASP A 257 3.47 -5.84 -20.00
CA ASP A 257 2.48 -4.78 -19.82
C ASP A 257 2.02 -4.71 -18.37
N ILE A 258 1.79 -5.89 -17.79
CA ILE A 258 1.36 -5.99 -16.41
C ILE A 258 2.39 -5.35 -15.48
N GLN A 259 3.66 -5.65 -15.72
CA GLN A 259 4.71 -5.10 -14.88
C GLN A 259 4.79 -3.59 -15.06
N VAL A 260 4.53 -3.12 -16.28
CA VAL A 260 4.56 -1.69 -16.55
C VAL A 260 3.43 -1.00 -15.81
N ILE A 261 2.23 -1.56 -15.88
CA ILE A 261 1.10 -0.97 -15.18
C ILE A 261 1.30 -1.03 -13.66
N ASP A 262 1.81 -2.16 -13.16
CA ASP A 262 2.06 -2.29 -11.72
C ASP A 262 3.05 -1.22 -11.31
N GLY A 263 3.91 -0.82 -12.26
CA GLY A 263 4.92 0.19 -11.99
C GLY A 263 4.41 1.61 -11.86
N MET A 264 3.15 1.81 -12.23
CA MET A 264 2.52 3.13 -12.17
C MET A 264 2.06 3.55 -10.78
N ASN A 265 1.98 2.60 -9.86
CA ASN A 265 1.52 2.88 -8.50
C ASN A 265 2.11 4.14 -7.88
N ALA A 266 1.25 4.93 -7.25
CA ALA A 266 1.65 6.16 -6.60
C ALA A 266 0.98 6.27 -5.24
N GLY A 267 0.31 5.20 -4.81
CA GLY A 267 -0.38 5.21 -3.55
C GLY A 267 -1.41 6.32 -3.50
N HIS A 268 -1.98 6.64 -4.66
CA HIS A 268 -2.96 7.73 -4.75
C HIS A 268 -4.44 7.35 -4.68
N ARG A 269 -5.12 7.89 -3.67
CA ARG A 269 -6.54 7.65 -3.48
C ARG A 269 -7.36 8.79 -4.09
N TYR A 270 -8.42 8.43 -4.80
CA TYR A 270 -9.34 9.40 -5.39
C TYR A 270 -10.47 9.49 -4.38
N GLY A 271 -10.53 8.47 -3.52
CA GLY A 271 -11.55 8.39 -2.49
C GLY A 271 -10.98 8.57 -1.09
N PRO A 272 -11.82 8.48 -0.07
CA PRO A 272 -11.34 8.65 1.30
C PRO A 272 -10.58 7.45 1.88
N ASP A 273 -9.77 7.74 2.89
CA ASP A 273 -8.97 6.71 3.55
C ASP A 273 -9.77 6.06 4.67
N PRO A 274 -10.05 4.75 4.54
CA PRO A 274 -10.80 3.95 5.50
C PRO A 274 -10.44 4.22 6.96
N GLU A 275 -9.18 4.54 7.21
CA GLU A 275 -8.71 4.83 8.56
C GLU A 275 -9.32 6.09 9.17
N VAL A 276 -9.64 7.08 8.34
CA VAL A 276 -10.18 8.33 8.86
C VAL A 276 -11.63 8.67 8.50
N PHE A 277 -12.12 8.16 7.37
CA PHE A 277 -13.48 8.45 6.94
C PHE A 277 -14.55 8.02 7.95
N MET A 278 -15.15 9.01 8.62
CA MET A 278 -16.18 8.75 9.62
C MET A 278 -17.54 9.38 9.35
N ASN A 279 -17.80 9.74 8.09
CA ASN A 279 -19.09 10.36 7.76
C ASN A 279 -20.29 9.52 8.21
N ASP A 280 -21.26 10.19 8.81
CA ASP A 280 -22.49 9.58 9.32
C ASP A 280 -22.35 8.57 10.44
N PHE A 281 -21.17 8.49 11.05
CA PHE A 281 -20.96 7.58 12.16
C PHE A 281 -21.25 8.28 13.47
N PRO B 3 35.96 -6.50 25.92
CA PRO B 3 34.75 -5.85 26.50
C PRO B 3 33.49 -6.68 26.21
N GLU B 4 32.76 -6.30 25.17
CA GLU B 4 31.55 -7.02 24.79
C GLU B 4 31.68 -7.60 23.40
N PHE B 5 32.72 -7.17 22.69
CA PHE B 5 33.01 -7.64 21.36
C PHE B 5 31.74 -7.76 20.52
N MET B 6 31.02 -6.66 20.40
CA MET B 6 29.80 -6.63 19.62
C MET B 6 30.04 -5.84 18.34
N ALA B 7 29.84 -6.49 17.20
CA ALA B 7 30.02 -5.87 15.89
C ALA B 7 28.86 -6.39 15.03
N LEU B 8 27.72 -5.71 15.17
CA LEU B 8 26.49 -6.07 14.47
C LEU B 8 26.58 -5.74 12.98
N THR B 9 27.28 -6.58 12.24
CA THR B 9 27.47 -6.36 10.82
C THR B 9 26.60 -7.19 9.88
N GLN B 10 25.63 -7.93 10.41
CA GLN B 10 24.76 -8.69 9.52
C GLN B 10 24.26 -7.70 8.47
N SER B 11 24.37 -8.05 7.19
CA SER B 11 23.93 -7.09 6.19
C SER B 11 23.39 -7.63 4.88
N LEU B 12 22.80 -6.72 4.11
CA LEU B 12 22.27 -7.03 2.79
C LEU B 12 23.34 -6.60 1.81
N LYS B 13 23.53 -7.39 0.76
CA LYS B 13 24.54 -7.03 -0.24
C LYS B 13 23.85 -6.19 -1.30
N LEU B 14 24.25 -4.94 -1.41
CA LEU B 14 23.66 -4.05 -2.42
C LEU B 14 24.01 -4.62 -3.79
N SER B 15 23.37 -4.11 -4.83
CA SER B 15 23.59 -4.59 -6.20
C SER B 15 25.03 -4.49 -6.70
N ASN B 16 25.82 -3.59 -6.11
CA ASN B 16 27.21 -3.44 -6.54
C ASN B 16 28.21 -4.14 -5.61
N GLY B 17 27.72 -5.06 -4.79
CA GLY B 17 28.58 -5.79 -3.88
C GLY B 17 28.77 -5.18 -2.50
N VAL B 18 28.31 -3.94 -2.33
CA VAL B 18 28.45 -3.24 -1.05
C VAL B 18 27.57 -3.82 0.06
N MET B 19 28.21 -4.20 1.17
CA MET B 19 27.56 -4.78 2.33
C MET B 19 27.03 -3.67 3.24
N MET B 20 25.72 -3.64 3.44
CA MET B 20 25.07 -2.63 4.27
C MET B 20 24.35 -3.32 5.42
N PRO B 21 24.74 -3.01 6.68
CA PRO B 21 24.16 -3.58 7.90
C PRO B 21 22.65 -3.40 8.04
N VAL B 22 21.95 -4.49 8.35
CA VAL B 22 20.50 -4.48 8.51
C VAL B 22 20.07 -3.66 9.71
N LEU B 23 21.02 -3.38 10.60
CA LEU B 23 20.73 -2.56 11.78
C LEU B 23 21.54 -1.28 11.67
N GLY B 24 20.87 -0.15 11.83
CA GLY B 24 21.56 1.12 11.74
C GLY B 24 21.07 2.07 12.83
N PHE B 25 21.83 3.13 13.06
CA PHE B 25 21.45 4.12 14.07
C PHE B 25 20.96 5.39 13.38
N GLY B 26 19.71 5.76 13.63
CA GLY B 26 19.14 6.96 13.03
C GLY B 26 19.48 8.17 13.87
N MET B 27 19.73 9.30 13.24
CA MET B 27 20.10 10.51 13.97
C MET B 27 19.15 11.70 13.88
N TRP B 28 17.88 11.47 13.59
CA TRP B 28 16.91 12.56 13.47
C TRP B 28 16.33 13.01 14.79
N LYS B 29 16.27 14.34 14.98
CA LYS B 29 15.76 14.96 16.20
C LYS B 29 16.80 14.90 17.32
N LEU B 30 18.04 14.64 16.93
CA LEU B 30 19.16 14.55 17.86
C LEU B 30 19.95 15.86 17.75
N GLN B 31 19.51 16.88 18.49
CA GLN B 31 20.17 18.19 18.46
C GLN B 31 21.67 18.15 18.33
N ASP B 32 22.18 18.83 17.30
CA ASP B 32 23.61 18.87 17.03
C ASP B 32 24.40 19.37 18.22
N GLY B 33 25.63 18.87 18.35
CA GLY B 33 26.47 19.28 19.45
C GLY B 33 26.76 18.16 20.43
N ASN B 34 26.18 18.26 21.62
CA ASN B 34 26.41 17.28 22.68
C ASN B 34 25.53 16.04 22.58
N GLU B 35 24.22 16.23 22.71
CA GLU B 35 23.25 15.14 22.65
C GLU B 35 23.54 14.13 21.54
N ALA B 36 23.82 14.63 20.34
CA ALA B 36 24.07 13.77 19.18
C ALA B 36 25.42 13.04 19.16
N GLU B 37 26.50 13.74 19.48
CA GLU B 37 27.82 13.12 19.46
C GLU B 37 27.95 11.98 20.46
N THR B 38 27.29 12.12 21.60
CA THR B 38 27.35 11.10 22.64
C THR B 38 26.53 9.86 22.27
N ALA B 39 25.28 10.08 21.91
CA ALA B 39 24.38 8.99 21.53
C ALA B 39 25.01 8.14 20.43
N THR B 40 25.49 8.80 19.39
CA THR B 40 26.12 8.10 18.27
C THR B 40 27.29 7.26 18.78
N MET B 41 27.98 7.76 19.80
CA MET B 41 29.11 7.06 20.38
C MET B 41 28.59 5.86 21.18
N TRP B 42 27.43 6.01 21.80
CA TRP B 42 26.83 4.93 22.58
C TRP B 42 26.39 3.78 21.67
N ALA B 43 26.08 4.09 20.43
CA ALA B 43 25.64 3.08 19.48
C ALA B 43 26.82 2.29 18.91
N ILE B 44 27.87 3.01 18.53
CA ILE B 44 29.05 2.37 17.97
C ILE B 44 29.70 1.43 18.98
N LYS B 45 29.64 1.82 20.26
CA LYS B 45 30.22 1.01 21.34
C LYS B 45 29.32 -0.17 21.63
N SER B 46 28.09 -0.13 21.11
CA SER B 46 27.15 -1.21 21.31
C SER B 46 27.18 -2.21 20.15
N GLY B 47 27.93 -1.90 19.11
CA GLY B 47 28.00 -2.81 17.99
C GLY B 47 27.48 -2.26 16.67
N TYR B 48 26.77 -1.14 16.71
CA TYR B 48 26.26 -0.54 15.48
C TYR B 48 27.45 -0.18 14.60
N ARG B 49 27.36 -0.50 13.31
CA ARG B 49 28.41 -0.18 12.35
C ARG B 49 27.76 0.51 11.16
N HIS B 50 26.57 1.06 11.38
CA HIS B 50 25.80 1.75 10.36
C HIS B 50 25.14 2.97 11.00
N ILE B 51 25.38 4.15 10.44
CA ILE B 51 24.82 5.38 10.97
C ILE B 51 24.10 6.15 9.87
N ASP B 52 22.88 6.61 10.17
CA ASP B 52 22.07 7.34 9.18
C ASP B 52 21.86 8.81 9.54
N THR B 53 22.38 9.70 8.69
CA THR B 53 22.23 11.15 8.91
C THR B 53 21.77 11.82 7.62
N ALA B 54 21.83 13.14 7.60
CA ALA B 54 21.42 13.93 6.45
C ALA B 54 21.68 15.40 6.73
N ALA B 55 21.76 16.20 5.67
CA ALA B 55 22.01 17.64 5.85
C ALA B 55 20.89 18.25 6.68
N ILE B 56 19.65 18.06 6.22
CA ILE B 56 18.47 18.61 6.87
C ILE B 56 18.40 18.34 8.37
N TYR B 57 19.08 17.30 8.86
CA TYR B 57 19.05 17.01 10.29
C TYR B 57 19.88 18.01 11.08
N LYS B 58 20.91 18.55 10.43
CA LYS B 58 21.79 19.55 11.02
C LYS B 58 22.80 19.03 12.05
N ASN B 59 22.95 17.71 12.14
CA ASN B 59 23.91 17.16 13.09
C ASN B 59 25.02 16.36 12.44
N GLU B 60 25.28 16.61 11.16
CA GLU B 60 26.35 15.91 10.47
C GLU B 60 27.70 16.24 11.11
N GLU B 61 27.73 17.36 11.83
CA GLU B 61 28.94 17.82 12.49
C GLU B 61 29.25 16.91 13.68
N SER B 62 28.27 16.76 14.56
CA SER B 62 28.46 15.91 15.72
C SER B 62 28.54 14.43 15.33
N ALA B 63 28.19 14.12 14.09
CA ALA B 63 28.24 12.75 13.62
C ALA B 63 29.64 12.44 13.10
N GLY B 64 30.24 13.39 12.38
CA GLY B 64 31.58 13.17 11.85
C GLY B 64 32.61 13.19 12.96
N ARG B 65 32.23 13.72 14.11
CA ARG B 65 33.12 13.80 15.27
C ARG B 65 33.18 12.45 15.94
N ALA B 66 32.02 11.87 16.22
CA ALA B 66 31.93 10.57 16.85
C ALA B 66 32.68 9.53 16.03
N ILE B 67 32.64 9.67 14.71
CA ILE B 67 33.32 8.73 13.81
C ILE B 67 34.83 8.73 14.04
N ALA B 68 35.39 9.92 14.22
CA ALA B 68 36.82 10.05 14.43
C ALA B 68 37.24 9.68 15.84
N SER B 69 36.46 10.11 16.82
CA SER B 69 36.78 9.82 18.22
C SER B 69 36.49 8.38 18.64
N CYS B 70 35.52 7.72 18.01
CA CYS B 70 35.21 6.33 18.38
C CYS B 70 36.45 5.50 18.05
N GLY B 71 36.58 4.34 18.69
CA GLY B 71 37.74 3.50 18.45
C GLY B 71 37.72 2.68 17.17
N VAL B 72 36.55 2.54 16.57
CA VAL B 72 36.40 1.76 15.35
C VAL B 72 36.91 2.47 14.10
N PRO B 73 37.74 1.79 13.31
CA PRO B 73 38.28 2.39 12.08
C PRO B 73 37.18 2.77 11.07
N ARG B 74 37.54 3.56 10.08
CA ARG B 74 36.61 4.02 9.04
C ARG B 74 36.10 2.88 8.15
N GLU B 75 37.01 2.01 7.75
CA GLU B 75 36.68 0.87 6.90
C GLU B 75 35.62 -0.06 7.51
N GLU B 76 35.38 0.09 8.81
CA GLU B 76 34.42 -0.75 9.51
C GLU B 76 33.14 0.00 9.86
N LEU B 77 32.97 1.19 9.32
CA LEU B 77 31.79 1.98 9.60
C LEU B 77 31.01 2.30 8.32
N PHE B 78 29.69 2.31 8.43
CA PHE B 78 28.83 2.61 7.28
C PHE B 78 28.10 3.91 7.55
N VAL B 79 28.42 4.95 6.78
CA VAL B 79 27.82 6.27 6.97
C VAL B 79 26.93 6.70 5.81
N THR B 80 25.70 7.08 6.13
CA THR B 80 24.74 7.53 5.12
C THR B 80 24.29 8.97 5.36
N THR B 81 24.22 9.75 4.29
CA THR B 81 23.73 11.13 4.36
C THR B 81 22.75 11.33 3.21
N LYS B 82 21.99 12.42 3.26
CA LYS B 82 21.01 12.72 2.24
C LYS B 82 21.09 14.13 1.68
N LEU B 83 20.63 14.30 0.44
CA LEU B 83 20.59 15.60 -0.23
C LEU B 83 19.23 16.24 0.02
N TRP B 84 19.21 17.38 0.69
CA TRP B 84 17.95 18.04 0.98
C TRP B 84 17.31 18.60 -0.28
N ASN B 85 15.99 18.74 -0.25
CA ASN B 85 15.22 19.22 -1.39
C ASN B 85 15.68 20.54 -1.97
N SER B 86 15.87 21.54 -1.10
CA SER B 86 16.30 22.86 -1.55
C SER B 86 17.62 22.85 -2.31
N ASP B 87 18.25 21.68 -2.43
CA ASP B 87 19.53 21.58 -3.14
C ASP B 87 19.53 20.71 -4.39
N GLN B 88 18.35 20.30 -4.84
CA GLN B 88 18.28 19.46 -6.03
C GLN B 88 18.78 20.24 -7.25
N GLY B 89 19.46 19.53 -8.15
CA GLY B 89 20.01 20.15 -9.33
C GLY B 89 21.46 19.71 -9.41
N TYR B 90 21.96 19.44 -10.62
CA TYR B 90 23.33 18.99 -10.79
C TYR B 90 24.36 19.77 -9.99
N GLU B 91 24.39 21.09 -10.15
CA GLU B 91 25.36 21.90 -9.45
C GLU B 91 25.10 21.99 -7.95
N SER B 92 23.87 22.31 -7.57
CA SER B 92 23.51 22.42 -6.16
C SER B 92 23.82 21.15 -5.36
N THR B 93 23.69 19.99 -6.01
CA THR B 93 23.93 18.74 -5.31
C THR B 93 25.42 18.51 -5.09
N LEU B 94 26.23 18.65 -6.13
CA LEU B 94 27.66 18.48 -6.00
C LEU B 94 28.18 19.41 -4.91
N SER B 95 27.61 20.60 -4.84
CA SER B 95 28.01 21.58 -3.84
C SER B 95 27.47 21.19 -2.47
N ALA B 96 26.22 20.75 -2.42
CA ALA B 96 25.61 20.34 -1.16
C ALA B 96 26.37 19.16 -0.55
N PHE B 97 26.91 18.30 -1.42
CA PHE B 97 27.66 17.14 -0.97
C PHE B 97 28.92 17.61 -0.27
N GLU B 98 29.63 18.56 -0.89
CA GLU B 98 30.87 19.08 -0.33
C GLU B 98 30.70 19.49 1.11
N LYS B 99 29.71 20.32 1.38
CA LYS B 99 29.47 20.76 2.75
C LYS B 99 29.29 19.55 3.67
N SER B 100 28.58 18.55 3.17
CA SER B 100 28.32 17.35 3.95
C SER B 100 29.57 16.52 4.23
N ILE B 101 30.24 16.07 3.18
CA ILE B 101 31.45 15.27 3.32
C ILE B 101 32.50 16.03 4.13
N LYS B 102 32.45 17.34 4.06
CA LYS B 102 33.38 18.18 4.80
C LYS B 102 33.00 18.22 6.27
N LYS B 103 31.71 18.29 6.56
CA LYS B 103 31.24 18.31 7.95
C LYS B 103 31.44 16.98 8.64
N LEU B 104 31.33 15.90 7.89
CA LEU B 104 31.52 14.55 8.42
C LEU B 104 33.00 14.29 8.59
N GLY B 105 33.82 15.27 8.22
CA GLY B 105 35.27 15.12 8.33
C GLY B 105 35.72 13.84 7.65
N LEU B 106 34.88 13.33 6.76
CA LEU B 106 35.20 12.10 6.06
C LEU B 106 35.78 12.34 4.68
N GLU B 107 36.43 11.31 4.15
CA GLU B 107 37.05 11.35 2.82
C GLU B 107 36.06 10.80 1.79
N TYR B 108 35.23 9.87 2.23
CA TYR B 108 34.22 9.28 1.35
C TYR B 108 32.97 8.97 2.17
N VAL B 109 31.86 8.73 1.48
CA VAL B 109 30.61 8.40 2.14
C VAL B 109 30.19 7.04 1.60
N ASP B 110 29.60 6.24 2.47
CA ASP B 110 29.16 4.92 2.07
C ASP B 110 27.89 4.97 1.24
N LEU B 111 26.90 5.73 1.68
CA LEU B 111 25.64 5.84 0.96
C LEU B 111 25.13 7.30 0.91
N TYR B 112 24.72 7.74 -0.27
CA TYR B 112 24.16 9.08 -0.44
C TYR B 112 22.79 8.87 -1.09
N LEU B 113 21.76 9.47 -0.50
CA LEU B 113 20.38 9.31 -0.99
C LEU B 113 19.68 10.63 -1.32
N ILE B 114 18.82 10.59 -2.34
CA ILE B 114 18.02 11.75 -2.69
C ILE B 114 16.92 11.67 -1.64
N HIS B 115 16.85 12.68 -0.77
CA HIS B 115 15.90 12.71 0.33
C HIS B 115 14.42 12.68 -0.03
N TRP B 116 14.02 13.38 -1.09
CA TRP B 116 12.63 13.39 -1.53
C TRP B 116 12.56 13.48 -3.05
N PRO B 117 11.57 12.83 -3.67
CA PRO B 117 11.38 12.83 -5.12
C PRO B 117 11.10 14.22 -5.68
N GLY B 118 10.25 14.96 -4.99
CA GLY B 118 9.92 16.29 -5.47
C GLY B 118 9.09 16.18 -6.73
N LYS B 119 9.39 17.02 -7.72
CA LYS B 119 8.64 17.03 -8.97
C LYS B 119 9.40 16.57 -10.20
N ASP B 120 10.38 17.36 -10.61
CA ASP B 120 11.13 17.07 -11.82
C ASP B 120 12.62 17.39 -11.79
N LYS B 121 13.24 17.30 -10.62
CA LYS B 121 14.66 17.59 -10.51
C LYS B 121 15.50 16.39 -10.09
N PHE B 122 14.87 15.35 -9.56
CA PHE B 122 15.62 14.18 -9.13
C PHE B 122 16.39 13.52 -10.26
N ILE B 123 15.91 13.69 -11.49
CA ILE B 123 16.60 13.10 -12.63
C ILE B 123 17.94 13.82 -12.83
N ASP B 124 17.91 15.14 -12.70
CA ASP B 124 19.10 15.96 -12.86
C ASP B 124 20.05 15.81 -11.67
N THR B 125 19.50 15.79 -10.46
CA THR B 125 20.33 15.66 -9.27
C THR B 125 20.99 14.28 -9.24
N TRP B 126 20.32 13.29 -9.80
CA TRP B 126 20.85 11.95 -9.82
C TRP B 126 22.07 11.81 -10.73
N LYS B 127 22.11 12.64 -11.77
CA LYS B 127 23.22 12.62 -12.72
C LYS B 127 24.49 12.98 -11.95
N ALA B 128 24.33 13.85 -10.95
CA ALA B 128 25.43 14.28 -10.10
C ALA B 128 25.84 13.14 -9.19
N PHE B 129 24.85 12.44 -8.63
CA PHE B 129 25.12 11.31 -7.75
C PHE B 129 26.05 10.33 -8.45
N GLU B 130 25.76 10.06 -9.71
CA GLU B 130 26.55 9.14 -10.50
C GLU B 130 27.96 9.70 -10.71
N LYS B 131 28.10 11.01 -10.50
CA LYS B 131 29.38 11.69 -10.64
C LYS B 131 30.23 11.39 -9.40
N LEU B 132 29.60 11.48 -8.25
CA LEU B 132 30.26 11.21 -6.98
C LEU B 132 30.61 9.73 -6.88
N TYR B 133 29.91 8.91 -7.66
CA TYR B 133 30.11 7.46 -7.66
C TYR B 133 31.32 7.10 -8.53
N ALA B 134 31.42 7.75 -9.68
CA ALA B 134 32.55 7.50 -10.57
C ALA B 134 33.81 8.11 -9.96
N ASP B 135 33.65 9.14 -9.15
CA ASP B 135 34.77 9.81 -8.49
C ASP B 135 35.15 9.21 -7.14
N LYS B 136 34.55 8.06 -6.81
CA LYS B 136 34.85 7.37 -5.55
C LYS B 136 34.43 8.14 -4.30
N LYS B 137 33.77 9.28 -4.47
CA LYS B 137 33.36 10.06 -3.31
C LYS B 137 32.32 9.33 -2.45
N VAL B 138 31.60 8.39 -3.06
CA VAL B 138 30.57 7.60 -2.35
C VAL B 138 30.64 6.17 -2.85
N ARG B 139 30.50 5.20 -1.95
CA ARG B 139 30.57 3.80 -2.35
C ARG B 139 29.27 3.24 -2.92
N ALA B 140 28.15 3.87 -2.56
CA ALA B 140 26.84 3.44 -3.03
C ALA B 140 25.93 4.65 -3.12
N ILE B 141 24.98 4.61 -4.04
CA ILE B 141 24.05 5.71 -4.19
C ILE B 141 22.62 5.19 -4.23
N GLY B 142 21.73 5.94 -3.61
CA GLY B 142 20.36 5.51 -3.59
C GLY B 142 19.33 6.61 -3.66
N VAL B 143 18.11 6.24 -3.28
CA VAL B 143 16.99 7.14 -3.32
C VAL B 143 16.17 7.01 -2.04
N SER B 144 15.32 7.99 -1.75
CA SER B 144 14.49 7.93 -0.56
C SER B 144 13.08 8.46 -0.81
N ASN B 145 12.09 7.83 -0.19
CA ASN B 145 10.69 8.24 -0.36
C ASN B 145 10.25 8.22 -1.82
N PHE B 146 10.67 7.19 -2.55
CA PHE B 146 10.30 7.02 -3.95
C PHE B 146 9.23 5.95 -4.12
N HIS B 147 8.13 6.31 -4.77
CA HIS B 147 7.10 5.33 -5.05
C HIS B 147 7.60 4.56 -6.27
N GLU B 148 6.96 3.44 -6.61
CA GLU B 148 7.43 2.67 -7.74
C GLU B 148 7.43 3.42 -9.07
N HIS B 149 6.55 4.41 -9.24
CA HIS B 149 6.53 5.14 -10.50
C HIS B 149 7.70 6.10 -10.55
N HIS B 150 8.10 6.62 -9.40
CA HIS B 150 9.25 7.52 -9.34
C HIS B 150 10.48 6.73 -9.77
N ILE B 151 10.56 5.47 -9.34
CA ILE B 151 11.69 4.63 -9.68
C ILE B 151 11.67 4.23 -11.14
N GLU B 152 10.49 3.87 -11.64
CA GLU B 152 10.35 3.47 -13.04
C GLU B 152 10.80 4.63 -13.91
N GLU B 153 10.46 5.84 -13.50
CA GLU B 153 10.82 7.04 -14.25
C GLU B 153 12.33 7.30 -14.22
N LEU B 154 12.97 6.89 -13.13
CA LEU B 154 14.42 7.06 -13.00
C LEU B 154 15.17 6.02 -13.81
N LEU B 155 14.68 4.78 -13.76
CA LEU B 155 15.29 3.68 -14.47
C LEU B 155 15.34 3.91 -15.98
N LYS B 156 14.59 4.90 -16.45
CA LYS B 156 14.56 5.23 -17.86
C LYS B 156 15.58 6.33 -18.15
N HIS B 157 15.84 7.15 -17.14
CA HIS B 157 16.78 8.24 -17.29
C HIS B 157 17.99 8.13 -16.35
N CYS B 158 18.76 7.05 -16.48
CA CYS B 158 19.94 6.87 -15.64
C CYS B 158 20.93 5.88 -16.23
N LYS B 159 22.20 6.02 -15.86
CA LYS B 159 23.25 5.12 -16.35
C LYS B 159 23.56 4.11 -15.27
N VAL B 160 23.30 4.48 -14.02
CA VAL B 160 23.52 3.61 -12.86
C VAL B 160 22.23 3.63 -12.03
N ALA B 161 21.57 2.49 -11.95
CA ALA B 161 20.32 2.39 -11.20
C ALA B 161 20.50 2.53 -9.69
N PRO B 162 19.47 3.06 -8.99
CA PRO B 162 19.58 3.22 -7.54
C PRO B 162 19.73 1.85 -6.88
N MET B 163 20.44 1.82 -5.75
CA MET B 163 20.72 0.57 -5.05
C MET B 163 19.98 0.47 -3.72
N VAL B 164 19.36 1.56 -3.29
CA VAL B 164 18.64 1.61 -2.03
C VAL B 164 17.44 2.55 -2.09
N ASN B 165 16.41 2.24 -1.32
CA ASN B 165 15.23 3.10 -1.25
C ASN B 165 14.80 3.11 0.21
N GLN B 166 15.05 4.24 0.87
CA GLN B 166 14.71 4.41 2.28
C GLN B 166 13.30 4.97 2.39
N ILE B 167 12.42 4.23 3.04
CA ILE B 167 11.02 4.63 3.15
C ILE B 167 10.42 4.40 4.55
N GLU B 168 9.32 5.09 4.85
CA GLU B 168 8.67 4.89 6.12
C GLU B 168 8.14 3.44 6.13
N LEU B 169 8.50 2.69 7.17
CA LEU B 169 8.06 1.31 7.26
C LEU B 169 8.02 0.83 8.72
N HIS B 170 6.85 0.36 9.12
CA HIS B 170 6.60 -0.14 10.48
C HIS B 170 5.31 -0.95 10.44
N PRO B 171 4.93 -1.56 11.55
CA PRO B 171 3.70 -2.37 11.57
C PRO B 171 2.40 -1.76 11.04
N LEU B 172 2.21 -0.45 11.14
CA LEU B 172 0.98 0.16 10.65
C LEU B 172 1.09 0.57 9.18
N LEU B 173 2.28 0.38 8.61
CA LEU B 173 2.55 0.70 7.21
C LEU B 173 3.66 -0.27 6.76
N ASN B 174 3.31 -1.53 6.54
CA ASN B 174 4.32 -2.52 6.17
C ASN B 174 4.98 -2.38 4.80
N GLN B 175 4.39 -1.58 3.90
CA GLN B 175 4.99 -1.36 2.60
C GLN B 175 5.32 -2.65 1.83
N LYS B 176 4.59 -3.73 2.09
CA LYS B 176 4.90 -5.00 1.41
C LYS B 176 5.01 -4.91 -0.10
N ALA B 177 4.10 -4.17 -0.73
CA ALA B 177 4.11 -4.04 -2.19
C ALA B 177 5.35 -3.28 -2.69
N LEU B 178 5.68 -2.17 -2.05
CA LEU B 178 6.84 -1.40 -2.50
C LEU B 178 8.12 -2.20 -2.29
N CYS B 179 8.19 -2.97 -1.21
CA CYS B 179 9.37 -3.79 -0.94
C CYS B 179 9.51 -4.83 -2.04
N GLU B 180 8.40 -5.46 -2.38
CA GLU B 180 8.35 -6.47 -3.43
C GLU B 180 8.92 -5.85 -4.71
N TYR B 181 8.43 -4.66 -5.04
CA TYR B 181 8.89 -3.95 -6.23
C TYR B 181 10.40 -3.67 -6.20
N CYS B 182 10.88 -3.10 -5.10
CA CYS B 182 12.30 -2.78 -4.97
C CYS B 182 13.18 -4.02 -5.06
N LYS B 183 12.70 -5.13 -4.53
CA LYS B 183 13.45 -6.39 -4.58
C LYS B 183 13.56 -6.90 -6.03
N SER B 184 12.50 -6.77 -6.80
CA SER B 184 12.50 -7.23 -8.20
C SER B 184 13.42 -6.34 -9.03
N LYS B 185 13.73 -5.17 -8.48
CA LYS B 185 14.60 -4.21 -9.15
C LYS B 185 16.00 -4.22 -8.55
N ASN B 186 16.26 -5.21 -7.69
CA ASN B 186 17.55 -5.35 -7.02
C ASN B 186 17.87 -4.06 -6.24
N ILE B 187 16.85 -3.54 -5.56
CA ILE B 187 16.99 -2.33 -4.76
C ILE B 187 16.69 -2.63 -3.31
N ALA B 188 17.69 -2.43 -2.44
CA ALA B 188 17.52 -2.69 -1.02
C ALA B 188 16.62 -1.66 -0.37
N VAL B 189 15.83 -2.10 0.60
CA VAL B 189 14.93 -1.19 1.29
C VAL B 189 15.37 -0.95 2.73
N THR B 190 15.33 0.32 3.14
CA THR B 190 15.69 0.72 4.50
C THR B 190 14.43 1.36 5.05
N ALA B 191 14.05 0.97 6.27
CA ALA B 191 12.85 1.48 6.89
C ALA B 191 13.08 2.61 7.88
N TRP B 192 12.47 3.77 7.64
CA TRP B 192 12.61 4.85 8.60
C TRP B 192 11.37 4.90 9.48
N SER B 193 11.51 5.47 10.67
CA SER B 193 10.45 5.49 11.68
C SER B 193 10.04 4.03 11.92
N PRO B 194 11.02 3.11 11.95
CA PRO B 194 10.76 1.69 12.16
C PRO B 194 9.98 1.35 13.43
N LEU B 195 9.98 2.26 14.39
CA LEU B 195 9.27 2.05 15.64
C LEU B 195 8.04 2.94 15.67
N GLY B 196 7.67 3.46 14.51
CA GLY B 196 6.52 4.34 14.43
C GLY B 196 6.82 5.59 15.23
N GLN B 197 8.06 6.05 15.14
CA GLN B 197 8.49 7.24 15.88
C GLN B 197 8.11 7.16 17.35
N GLY B 198 8.19 5.95 17.91
CA GLY B 198 7.87 5.74 19.31
C GLY B 198 6.40 5.51 19.64
N HIS B 199 5.51 5.79 18.69
CA HIS B 199 4.08 5.63 18.93
C HIS B 199 3.58 4.18 18.98
N LEU B 200 4.48 3.21 18.83
CA LEU B 200 4.08 1.80 18.86
C LEU B 200 4.86 0.97 19.89
N VAL B 201 5.92 1.55 20.44
CA VAL B 201 6.76 0.88 21.41
C VAL B 201 5.99 0.35 22.63
N GLU B 202 4.75 0.80 22.80
CA GLU B 202 3.91 0.36 23.90
C GLU B 202 2.62 -0.29 23.44
N ASP B 203 2.59 -0.76 22.19
CA ASP B 203 1.40 -1.40 21.64
C ASP B 203 1.19 -2.70 22.39
N ALA B 204 -0.07 -3.04 22.68
CA ALA B 204 -0.39 -4.28 23.40
C ALA B 204 -0.18 -5.55 22.60
N ARG B 205 -0.25 -5.44 21.28
CA ARG B 205 -0.08 -6.58 20.39
C ARG B 205 1.39 -6.97 20.26
N LEU B 206 2.27 -5.98 20.12
CA LEU B 206 3.68 -6.27 19.99
C LEU B 206 4.22 -6.80 21.32
N LYS B 207 3.79 -6.20 22.43
CA LYS B 207 4.24 -6.64 23.74
C LYS B 207 3.91 -8.11 23.95
N ALA B 208 2.65 -8.47 23.70
CA ALA B 208 2.20 -9.84 23.85
C ALA B 208 3.22 -10.77 23.17
N ILE B 209 3.38 -10.59 21.87
CA ILE B 209 4.31 -11.39 21.08
C ILE B 209 5.71 -11.40 21.69
N GLY B 210 6.15 -10.24 22.17
CA GLY B 210 7.47 -10.12 22.77
C GLY B 210 7.66 -10.95 24.03
N GLY B 211 6.58 -11.10 24.80
CA GLY B 211 6.64 -11.86 26.03
C GLY B 211 7.15 -13.28 25.88
N LYS B 212 6.75 -13.95 24.80
CA LYS B 212 7.17 -15.33 24.53
C LYS B 212 8.66 -15.45 24.28
N TYR B 213 9.30 -14.32 23.97
CA TYR B 213 10.73 -14.32 23.68
C TYR B 213 11.52 -13.53 24.72
N GLY B 214 10.80 -12.86 25.61
CA GLY B 214 11.45 -12.04 26.60
C GLY B 214 12.04 -10.81 25.95
N LYS B 215 11.39 -10.35 24.89
CA LYS B 215 11.83 -9.16 24.16
C LYS B 215 10.76 -8.07 24.27
N THR B 216 11.14 -6.83 24.02
CA THR B 216 10.18 -5.72 24.09
C THR B 216 9.47 -5.56 22.75
N ALA B 217 8.49 -4.66 22.73
CA ALA B 217 7.72 -4.39 21.53
C ALA B 217 8.65 -3.84 20.48
N ALA B 218 9.50 -2.90 20.90
CA ALA B 218 10.46 -2.28 20.01
C ALA B 218 11.36 -3.34 19.38
N GLN B 219 11.85 -4.27 20.20
CA GLN B 219 12.71 -5.30 19.68
C GLN B 219 11.96 -6.17 18.68
N VAL B 220 10.70 -6.47 18.99
CA VAL B 220 9.88 -7.29 18.09
C VAL B 220 9.72 -6.63 16.72
N MET B 221 9.38 -5.34 16.72
CA MET B 221 9.22 -4.59 15.47
C MET B 221 10.49 -4.63 14.61
N LEU B 222 11.64 -4.42 15.26
CA LEU B 222 12.93 -4.43 14.57
C LEU B 222 13.24 -5.79 13.96
N ARG B 223 13.00 -6.86 14.73
CA ARG B 223 13.28 -8.21 14.23
C ARG B 223 12.33 -8.53 13.06
N TRP B 224 11.10 -8.04 13.16
CA TRP B 224 10.09 -8.26 12.12
C TRP B 224 10.58 -7.62 10.83
N GLU B 225 11.11 -6.41 10.93
CA GLU B 225 11.64 -5.71 9.78
C GLU B 225 12.82 -6.47 9.20
N ILE B 226 13.70 -6.94 10.07
CA ILE B 226 14.87 -7.70 9.64
C ILE B 226 14.44 -8.99 8.93
N GLN B 227 13.49 -9.73 9.48
CA GLN B 227 13.05 -10.96 8.82
C GLN B 227 12.27 -10.68 7.55
N ALA B 228 11.87 -9.42 7.37
CA ALA B 228 11.14 -9.03 6.16
C ALA B 228 12.16 -8.81 5.04
N GLY B 229 13.43 -8.86 5.38
CA GLY B 229 14.47 -8.67 4.38
C GLY B 229 14.85 -7.22 4.13
N VAL B 230 14.54 -6.34 5.07
CA VAL B 230 14.89 -4.93 4.91
C VAL B 230 15.92 -4.51 5.94
N ILE B 231 16.35 -3.25 5.85
CA ILE B 231 17.31 -2.66 6.77
C ILE B 231 16.47 -1.74 7.65
N THR B 232 16.83 -1.62 8.92
CA THR B 232 16.08 -0.78 9.83
C THR B 232 17.02 0.13 10.60
N ILE B 233 16.63 1.40 10.73
CA ILE B 233 17.45 2.39 11.40
C ILE B 233 16.77 3.14 12.56
N PRO B 234 16.47 2.45 13.65
CA PRO B 234 15.82 3.10 14.79
C PRO B 234 16.67 4.18 15.47
N LYS B 235 16.00 5.24 15.93
CA LYS B 235 16.66 6.35 16.59
C LYS B 235 16.35 6.35 18.08
N SER B 236 17.34 6.68 18.90
CA SER B 236 17.16 6.74 20.35
C SER B 236 18.21 7.65 21.00
N GLY B 237 17.78 8.37 22.03
CA GLY B 237 18.68 9.26 22.75
C GLY B 237 18.88 8.73 24.16
N ASN B 238 18.82 7.41 24.30
CA ASN B 238 18.97 6.75 25.59
C ASN B 238 19.95 5.58 25.43
N GLU B 239 21.04 5.62 26.20
CA GLU B 239 22.07 4.60 26.15
C GLU B 239 21.52 3.20 26.39
N ALA B 240 20.49 3.11 27.23
CA ALA B 240 19.89 1.82 27.54
C ALA B 240 19.06 1.31 26.37
N ARG B 241 18.28 2.19 25.76
CA ARG B 241 17.44 1.83 24.63
C ARG B 241 18.28 1.52 23.40
N ILE B 242 19.43 2.17 23.27
CA ILE B 242 20.32 1.93 22.14
C ILE B 242 20.78 0.49 22.21
N LYS B 243 21.19 0.05 23.39
CA LYS B 243 21.66 -1.31 23.62
C LYS B 243 20.51 -2.27 23.33
N GLU B 244 19.33 -1.96 23.86
CA GLU B 244 18.15 -2.78 23.67
C GLU B 244 17.83 -3.00 22.19
N ASN B 245 17.82 -1.92 21.42
CA ASN B 245 17.52 -1.99 19.99
C ASN B 245 18.54 -2.81 19.21
N GLY B 246 19.75 -2.92 19.74
CA GLY B 246 20.77 -3.70 19.06
C GLY B 246 20.70 -5.18 19.40
N ASN B 247 20.08 -5.49 20.55
CA ASN B 247 19.94 -6.87 21.00
C ASN B 247 18.77 -7.56 20.29
N ILE B 248 18.92 -7.80 19.00
CA ILE B 248 17.85 -8.41 18.21
C ILE B 248 18.27 -9.54 17.27
N PHE B 249 19.50 -9.99 17.38
CA PHE B 249 19.97 -11.09 16.53
C PHE B 249 19.98 -12.32 17.43
N ASP B 250 19.35 -12.11 18.58
CA ASP B 250 19.23 -13.05 19.68
C ASP B 250 18.09 -14.07 19.55
N PHE B 251 17.08 -13.74 18.75
CA PHE B 251 15.94 -14.61 18.57
C PHE B 251 15.41 -14.62 17.15
N GLU B 252 14.27 -15.28 16.96
CA GLU B 252 13.65 -15.38 15.66
C GLU B 252 12.14 -15.45 15.83
N LEU B 253 11.42 -14.50 15.25
CA LEU B 253 9.97 -14.48 15.31
C LEU B 253 9.41 -15.64 14.50
N THR B 254 8.48 -16.39 15.08
CA THR B 254 7.89 -17.52 14.37
C THR B 254 7.04 -17.01 13.21
N ALA B 255 6.79 -17.88 12.23
CA ALA B 255 5.99 -17.48 11.08
C ALA B 255 4.60 -17.06 11.55
N GLU B 256 4.17 -17.62 12.68
CA GLU B 256 2.87 -17.27 13.24
C GLU B 256 2.85 -15.82 13.71
N ASP B 257 3.88 -15.42 14.45
CA ASP B 257 3.97 -14.07 14.95
C ASP B 257 4.17 -13.05 13.83
N ILE B 258 4.83 -13.46 12.76
CA ILE B 258 5.07 -12.59 11.61
C ILE B 258 3.75 -12.27 10.91
N GLN B 259 2.91 -13.29 10.73
CA GLN B 259 1.62 -13.09 10.09
C GLN B 259 0.74 -12.14 10.89
N VAL B 260 0.77 -12.28 12.21
CA VAL B 260 -0.02 -11.41 13.08
C VAL B 260 0.44 -9.94 12.93
N ILE B 261 1.74 -9.73 12.90
CA ILE B 261 2.28 -8.37 12.78
C ILE B 261 1.96 -7.81 11.38
N ASP B 262 1.99 -8.69 10.37
CA ASP B 262 1.68 -8.26 9.01
C ASP B 262 0.20 -7.87 8.94
N GLY B 263 -0.60 -8.41 9.85
CA GLY B 263 -2.02 -8.11 9.88
C GLY B 263 -2.39 -6.78 10.55
N MET B 264 -1.39 -6.12 11.11
CA MET B 264 -1.60 -4.85 11.79
C MET B 264 -1.70 -3.65 10.86
N ASN B 265 -1.29 -3.82 9.60
CA ASN B 265 -1.28 -2.72 8.63
C ASN B 265 -2.58 -1.89 8.57
N ALA B 266 -2.41 -0.58 8.53
CA ALA B 266 -3.53 0.36 8.47
C ALA B 266 -3.23 1.49 7.49
N GLY B 267 -2.13 1.35 6.76
CA GLY B 267 -1.74 2.36 5.81
C GLY B 267 -1.49 3.69 6.50
N HIS B 268 -1.13 3.65 7.78
CA HIS B 268 -0.89 4.88 8.52
C HIS B 268 0.50 5.44 8.35
N ARG B 269 0.56 6.67 7.88
CA ARG B 269 1.82 7.37 7.63
C ARG B 269 2.06 8.44 8.71
N TYR B 270 3.20 8.35 9.40
CA TYR B 270 3.53 9.35 10.42
C TYR B 270 4.22 10.53 9.72
N GLY B 271 4.89 10.24 8.61
CA GLY B 271 5.55 11.29 7.85
C GLY B 271 4.74 11.68 6.62
N PRO B 272 5.26 12.59 5.77
CA PRO B 272 4.48 12.97 4.59
C PRO B 272 4.42 11.94 3.49
N ASP B 273 3.53 12.18 2.54
CA ASP B 273 3.36 11.31 1.39
C ASP B 273 4.23 11.84 0.26
N PRO B 274 5.19 11.02 -0.20
CA PRO B 274 6.14 11.33 -1.27
C PRO B 274 5.46 11.88 -2.53
N GLU B 275 4.15 11.72 -2.61
CA GLU B 275 3.37 12.19 -3.76
C GLU B 275 3.02 13.65 -3.73
N VAL B 276 2.94 14.22 -2.54
CA VAL B 276 2.58 15.63 -2.45
C VAL B 276 3.56 16.49 -1.66
N PHE B 277 4.40 15.85 -0.85
CA PHE B 277 5.38 16.59 -0.06
C PHE B 277 6.29 17.40 -0.96
N MET B 278 5.96 18.67 -1.14
CA MET B 278 6.76 19.54 -2.00
C MET B 278 7.59 20.57 -1.23
N ASN B 279 7.70 20.40 0.09
CA ASN B 279 8.47 21.36 0.89
C ASN B 279 9.85 21.70 0.37
N ASP B 280 10.08 22.99 0.19
CA ASP B 280 11.36 23.52 -0.28
C ASP B 280 11.76 23.19 -1.71
N PHE B 281 10.80 22.83 -2.55
CA PHE B 281 11.13 22.52 -3.95
C PHE B 281 10.87 23.73 -4.86
PA NAP C . -15.00 4.49 -12.19
O1A NAP C . -13.60 4.33 -12.32
O2A NAP C . -16.03 3.43 -12.49
O5B NAP C . -15.49 5.78 -13.06
C5B NAP C . -15.10 5.83 -14.44
C4B NAP C . -15.51 7.26 -14.96
O4B NAP C . -14.99 7.16 -16.33
C3B NAP C . -17.03 7.52 -15.19
O3B NAP C . -17.22 8.87 -14.78
C2B NAP C . -17.32 7.36 -16.67
O2B NAP C . -18.06 8.42 -17.30
C1B NAP C . -15.92 7.24 -17.36
N9A NAP C . -15.84 6.05 -18.13
C8A NAP C . -16.36 4.79 -17.93
N7A NAP C . -16.04 3.92 -18.87
C5A NAP C . -15.26 4.68 -19.74
C6A NAP C . -14.63 4.30 -20.92
N6A NAP C . -14.65 3.08 -21.48
N1A NAP C . -13.89 5.28 -21.58
C2A NAP C . -13.80 6.59 -21.09
N3A NAP C . -14.42 6.99 -19.91
C4A NAP C . -15.14 5.99 -19.27
O3 NAP C . -15.29 5.03 -10.73
PN NAP C . -16.50 5.00 -9.74
O1N NAP C . -17.79 5.08 -10.46
O2N NAP C . -16.23 6.06 -8.76
O5D NAP C . -16.36 3.57 -9.08
C5D NAP C . -16.82 2.42 -9.80
C4D NAP C . -17.97 1.82 -9.03
O4D NAP C . -17.57 1.15 -7.81
C3D NAP C . -19.17 2.76 -8.59
O3D NAP C . -20.15 2.99 -9.62
C2D NAP C . -19.71 2.07 -7.36
O2D NAP C . -20.68 1.09 -7.67
C1D NAP C . -18.52 1.46 -6.72
N1N NAP C . -17.85 2.26 -5.64
C2N NAP C . -17.78 1.73 -4.33
C3N NAP C . -17.21 2.49 -3.33
C7N NAP C . -17.15 1.92 -1.91
O7N NAP C . -16.66 2.62 -1.06
N7N NAP C . -17.62 0.73 -1.64
C4N NAP C . -16.67 3.83 -3.60
C5N NAP C . -16.74 4.32 -4.94
C6N NAP C . -17.33 3.55 -5.98
P2B NAP C . -19.51 8.21 -18.04
O1X NAP C . -19.82 9.53 -18.75
O2X NAP C . -19.20 7.09 -18.99
O3X NAP C . -20.52 7.93 -16.94
C1 CIT D . -19.82 5.31 -1.96
O1 CIT D . -19.68 4.14 -2.33
O2 CIT D . -20.54 6.00 -2.52
C2 CIT D . -19.03 5.77 -0.78
C3 CIT D . -19.18 7.25 -0.29
O7 CIT D . -19.51 7.14 1.09
C4 CIT D . -17.81 7.99 -0.30
C5 CIT D . -17.33 8.11 -1.80
O3 CIT D . -17.56 9.04 -2.59
O4 CIT D . -16.61 7.08 -2.11
C6 CIT D . -20.29 8.30 -0.75
O5 CIT D . -21.07 8.30 -1.69
O6 CIT D . -20.24 9.26 0.10
PA NAP E . 11.95 5.86 15.28
O1A NAP E . 10.91 4.92 15.06
O2A NAP E . 13.42 5.57 15.22
O5B NAP E . 11.72 6.59 16.68
C5B NAP E . 11.50 5.76 17.84
C4B NAP E . 11.16 6.75 19.01
O4B NAP E . 10.95 5.78 20.10
C3B NAP E . 12.35 7.62 19.51
O3B NAP E . 11.78 8.91 19.75
C2B NAP E . 12.86 6.98 20.79
O2B NAP E . 13.04 7.85 21.91
C1B NAP E . 11.86 5.87 21.16
N9A NAP E . 12.56 4.62 21.29
C8A NAP E . 13.67 4.12 20.62
N7A NAP E . 14.03 2.92 21.01
C5A NAP E . 13.11 2.61 21.99
C6A NAP E . 12.99 1.46 22.76
N6A NAP E . 13.78 0.37 22.70
N1A NAP E . 11.94 1.42 23.69
C2A NAP E . 11.05 2.50 23.83
N3A NAP E . 11.16 3.66 23.08
C4A NAP E . 12.20 3.67 22.17
O3 NAP E . 11.69 7.08 14.29
PN NAP E . 12.57 8.15 13.54
O1N NAP E . 13.74 8.55 14.34
O2N NAP E . 11.62 9.22 13.17
O5D NAP E . 13.09 7.41 12.27
C5D NAP E . 14.20 6.50 12.35
C4D NAP E . 15.37 7.08 11.61
O4D NAP E . 15.22 7.04 10.18
C3D NAP E . 15.81 8.57 11.94
O3D NAP E . 16.72 8.67 13.05
C2D NAP E . 16.40 9.05 10.64
O2D NAP E . 17.79 8.80 10.56
C1D NAP E . 15.68 8.31 9.59
N1N NAP E . 14.55 9.01 8.89
C2N NAP E . 14.60 9.22 7.50
C3N NAP E . 13.57 9.89 6.88
C7N NAP E . 13.64 10.10 5.36
O7N NAP E . 12.74 10.70 4.85
N7N NAP E . 14.66 9.67 4.67
C4N NAP E . 12.42 10.38 7.64
C5N NAP E . 12.38 10.16 9.05
C6N NAP E . 13.45 9.47 9.71
P2B NAP E . 14.50 8.11 22.62
O1X NAP E . 14.21 8.88 23.91
O2X NAP E . 14.99 6.72 22.86
O3X NAP E . 15.30 8.95 21.65
C1 CIT F . 11.33 17.04 6.68
O1 CIT F . 10.92 18.02 5.98
O2 CIT F . 12.20 17.17 7.48
C2 CIT F . 10.65 15.71 6.45
C3 CIT F . 11.19 14.55 7.31
O7 CIT F . 11.14 14.91 8.71
C4 CIT F . 10.33 13.27 7.11
C5 CIT F . 9.08 13.29 8.07
O3 CIT F . 8.38 14.26 8.41
O4 CIT F . 8.88 12.08 8.48
C6 CIT F . 12.67 14.02 7.21
O5 CIT F . 13.44 13.54 8.04
O6 CIT F . 12.98 14.16 5.99
#